data_8OTB
#
_entry.id   8OTB
#
_cell.length_a   50.470
_cell.length_b   109.030
_cell.length_c   111.580
_cell.angle_alpha   90.000
_cell.angle_beta   90.000
_cell.angle_gamma   90.000
#
_symmetry.space_group_name_H-M   'P 21 21 21'
#
loop_
_entity.id
_entity.type
_entity.pdbx_description
1 polymer Chitodextrinase
2 non-polymer DI(HYDROXYETHYL)ETHER
3 non-polymer 'CHLORIDE ION'
4 non-polymer 'SODIUM ION'
5 water water
#
_entity_poly.entity_id   1
_entity_poly.type   'polypeptide(L)'
_entity_poly.pdbx_seq_one_letter_code
;MGSSELNRKLVGYFPEWAYSSEAQGYFNVTDLQWDSLTHIQYSFAMVDPSTNKITLSNKHAAIEEDFSEFDLNYNGKKIE
LDPSLPYKGHFNVLQTMKKNYPDVSLLISVGGWTGTRCFYTMIDTDNRINTFADSCVDFIRKYGFDGVDIDFEYPSSTSQ
SGNPDDFDLSEPRRTKLNERYNILIKTLREKIDMASKEDGKEYLLTAAVTASPWVLGGISDNTYAKYLDFLSIMSYDYHG
GWNEYVEHLAGIYPNKEDRETVTQIMPTLCMDWAYRYYRGVLPAEKILMGIPYYTRGWENVQGGINGLHGSSKTPASGKY
NILGDDLNNDGVLEPAGANPLWHVLNLMEQDPNLKVYWDEISKVPYVWQNDKKVFVSFENEKSIDARLEYIQNKNLGGAL
IWVMNGDYGLNPNYVEGSNKINEGKYTFGDTLTKRLSQGLKKMGVCNKTPDDLNISLEPINVDVKFNGKYDHPNYTYSID
ITNYTDKEIKGGWNVSFDLPKSAVFKSSWGGTYSVTDNGDFNTITLTSGAWQNIAPNSTITVQGMIGLCFSGIRNVTFNG
MNPIGNDKSHHHHHH
;
_entity_poly.pdbx_strand_id   A
#
loop_
_chem_comp.id
_chem_comp.type
_chem_comp.name
_chem_comp.formula
CL non-polymer 'CHLORIDE ION' 'Cl -1'
NA non-polymer 'SODIUM ION' 'Na 1'
PEG non-polymer DI(HYDROXYETHYL)ETHER 'C4 H10 O3'
#
# COMPACT_ATOMS: atom_id res chain seq x y z
N SER A 4 -13.16 -16.68 -8.59
CA SER A 4 -12.23 -15.85 -9.36
C SER A 4 -11.62 -14.76 -8.47
N GLU A 5 -12.35 -14.35 -7.43
CA GLU A 5 -11.81 -13.36 -6.50
C GLU A 5 -10.64 -13.91 -5.68
N LEU A 6 -10.49 -15.23 -5.60
CA LEU A 6 -9.36 -15.82 -4.87
C LEU A 6 -8.12 -15.97 -5.73
N ASN A 7 -8.19 -15.63 -7.02
CA ASN A 7 -7.01 -15.68 -7.86
C ASN A 7 -5.93 -14.76 -7.29
N ARG A 8 -4.67 -15.17 -7.43
CA ARG A 8 -3.58 -14.28 -7.06
C ARG A 8 -3.58 -13.07 -7.99
N LYS A 9 -3.19 -11.92 -7.44
CA LYS A 9 -3.16 -10.66 -8.17
CA LYS A 9 -3.17 -10.67 -8.17
C LYS A 9 -1.74 -10.15 -8.27
N LEU A 10 -1.38 -9.61 -9.42
CA LEU A 10 -0.09 -8.97 -9.65
C LEU A 10 -0.41 -7.64 -10.30
N VAL A 11 -0.36 -6.57 -9.51
CA VAL A 11 -0.90 -5.26 -9.84
C VAL A 11 0.27 -4.32 -10.08
N GLY A 12 0.28 -3.66 -11.24
CA GLY A 12 1.37 -2.77 -11.56
C GLY A 12 0.92 -1.35 -11.81
N TYR A 13 1.62 -0.37 -11.25
N TYR A 13 1.64 -0.39 -11.23
CA TYR A 13 1.31 1.03 -11.49
CA TYR A 13 1.41 1.01 -11.49
C TYR A 13 2.02 1.49 -12.76
C TYR A 13 2.03 1.40 -12.82
N PHE A 14 1.25 2.01 -13.71
CA PHE A 14 1.81 2.59 -14.92
C PHE A 14 2.08 4.07 -14.77
N PRO A 15 3.32 4.55 -14.99
CA PRO A 15 3.64 5.97 -14.83
C PRO A 15 3.33 6.78 -16.08
N GLU A 16 2.29 7.62 -15.99
N GLU A 16 2.31 7.64 -15.99
CA GLU A 16 1.90 8.52 -17.08
CA GLU A 16 1.96 8.41 -17.18
C GLU A 16 3.08 9.36 -17.56
C GLU A 16 3.08 9.38 -17.59
N TRP A 17 3.97 9.73 -16.65
CA TRP A 17 5.02 10.71 -16.92
C TRP A 17 6.28 10.13 -17.56
N ALA A 18 6.38 8.81 -17.67
CA ALA A 18 7.68 8.22 -17.96
C ALA A 18 8.06 8.30 -19.43
N TYR A 19 7.08 8.33 -20.34
CA TYR A 19 7.39 8.07 -21.74
C TYR A 19 8.25 9.17 -22.37
N SER A 20 8.28 10.35 -21.79
CA SER A 20 9.04 11.47 -22.34
C SER A 20 10.27 11.82 -21.51
N SER A 21 10.63 10.98 -20.54
CA SER A 21 11.68 11.30 -19.58
C SER A 21 12.86 10.36 -19.71
N GLU A 22 14.05 10.93 -19.84
CA GLU A 22 15.26 10.13 -19.95
C GLU A 22 15.48 9.27 -18.72
N ALA A 23 15.36 9.87 -17.53
CA ALA A 23 15.62 9.13 -16.30
C ALA A 23 14.64 7.97 -16.11
N GLN A 24 13.44 8.08 -16.68
CA GLN A 24 12.44 7.03 -16.58
C GLN A 24 12.53 6.02 -17.71
N GLY A 25 13.47 6.18 -18.64
CA GLY A 25 13.67 5.24 -19.71
C GLY A 25 12.74 5.37 -20.89
N TYR A 26 11.90 6.42 -20.94
CA TYR A 26 10.93 6.60 -22.01
C TYR A 26 9.92 5.45 -22.06
N PHE A 27 9.61 4.90 -20.89
CA PHE A 27 8.68 3.79 -20.74
C PHE A 27 7.26 4.22 -21.12
N ASN A 28 6.64 3.47 -22.03
CA ASN A 28 5.27 3.74 -22.46
C ASN A 28 4.43 2.47 -22.30
N VAL A 29 3.17 2.54 -22.73
CA VAL A 29 2.24 1.45 -22.46
C VAL A 29 2.68 0.16 -23.13
N THR A 30 3.34 0.23 -24.29
CA THR A 30 3.78 -0.99 -24.96
C THR A 30 4.99 -1.62 -24.28
N ASP A 31 5.54 -0.98 -23.25
CA ASP A 31 6.60 -1.54 -22.42
C ASP A 31 6.07 -2.21 -21.16
N LEU A 32 4.77 -2.12 -20.91
CA LEU A 32 4.19 -2.79 -19.75
C LEU A 32 4.34 -4.30 -19.88
N GLN A 33 4.37 -4.96 -18.73
CA GLN A 33 4.60 -6.40 -18.63
C GLN A 33 3.25 -7.12 -18.75
N TRP A 34 2.66 -7.00 -19.94
CA TRP A 34 1.29 -7.43 -20.17
C TRP A 34 1.09 -8.93 -19.96
N ASP A 35 2.12 -9.73 -20.23
CA ASP A 35 2.00 -11.17 -20.07
C ASP A 35 2.01 -11.61 -18.61
N SER A 36 2.39 -10.73 -17.69
CA SER A 36 2.59 -11.10 -16.30
C SER A 36 1.65 -10.39 -15.33
N LEU A 37 1.23 -9.17 -15.62
CA LEU A 37 0.33 -8.44 -14.72
C LEU A 37 -1.09 -8.94 -14.87
N THR A 38 -1.82 -8.96 -13.74
CA THR A 38 -3.26 -9.20 -13.77
C THR A 38 -4.05 -7.91 -13.76
N HIS A 39 -3.47 -6.82 -13.24
CA HIS A 39 -4.11 -5.52 -13.13
C HIS A 39 -3.09 -4.44 -13.42
N ILE A 40 -3.54 -3.38 -14.09
CA ILE A 40 -2.73 -2.19 -14.34
C ILE A 40 -3.43 -1.00 -13.69
N GLN A 41 -2.72 -0.29 -12.82
N GLN A 41 -2.73 -0.30 -12.81
N GLN A 41 -2.72 -0.28 -12.84
CA GLN A 41 -3.22 0.92 -12.17
CA GLN A 41 -3.24 0.91 -12.19
CA GLN A 41 -3.23 0.92 -12.20
C GLN A 41 -2.60 2.12 -12.89
C GLN A 41 -2.60 2.10 -12.88
C GLN A 41 -2.60 2.12 -12.87
N TYR A 42 -3.42 2.92 -13.54
CA TYR A 42 -2.92 4.09 -14.26
C TYR A 42 -2.66 5.22 -13.27
N SER A 43 -1.40 5.64 -13.18
N SER A 43 -1.39 5.63 -13.17
CA SER A 43 -0.95 6.69 -12.26
CA SER A 43 -0.97 6.69 -12.26
C SER A 43 -0.71 7.96 -13.07
C SER A 43 -0.73 7.96 -13.07
N PHE A 44 -1.51 9.01 -12.82
CA PHE A 44 -2.59 9.12 -11.84
C PHE A 44 -3.59 10.18 -12.31
N ALA A 45 -4.82 10.09 -11.80
CA ALA A 45 -5.80 11.14 -11.93
C ALA A 45 -5.88 11.90 -10.61
N MET A 46 -6.61 13.01 -10.64
CA MET A 46 -6.75 13.89 -9.48
C MET A 46 -8.20 14.31 -9.38
N VAL A 47 -8.48 15.18 -8.40
CA VAL A 47 -9.79 15.79 -8.21
C VAL A 47 -9.69 17.24 -8.66
N ASP A 48 -10.68 17.69 -9.43
CA ASP A 48 -10.65 19.07 -9.91
C ASP A 48 -10.98 20.04 -8.78
N PRO A 49 -10.22 21.13 -8.63
CA PRO A 49 -10.48 22.05 -7.50
C PRO A 49 -11.81 22.78 -7.57
N SER A 50 -12.38 22.95 -8.76
CA SER A 50 -13.61 23.73 -8.92
C SER A 50 -14.85 22.90 -9.16
N THR A 51 -14.72 21.74 -9.80
CA THR A 51 -15.89 20.90 -10.09
C THR A 51 -15.99 19.68 -9.19
N ASN A 52 -14.91 19.31 -8.49
CA ASN A 52 -14.86 18.15 -7.62
C ASN A 52 -15.02 16.83 -8.37
N LYS A 53 -14.80 16.87 -9.68
CA LYS A 53 -14.86 15.69 -10.52
C LYS A 53 -13.46 15.15 -10.78
N ILE A 54 -13.39 13.84 -11.06
CA ILE A 54 -12.13 13.24 -11.46
C ILE A 54 -11.59 13.98 -12.68
N THR A 55 -10.27 14.18 -12.70
CA THR A 55 -9.63 14.93 -13.77
C THR A 55 -8.25 14.37 -14.02
N LEU A 56 -7.79 14.54 -15.25
CA LEU A 56 -6.50 14.03 -15.66
C LEU A 56 -5.38 14.96 -15.17
N SER A 57 -4.22 14.38 -14.92
CA SER A 57 -3.04 15.18 -14.57
C SER A 57 -2.41 15.72 -15.85
N ASN A 58 -1.73 14.85 -16.60
CA ASN A 58 -1.20 15.21 -17.92
C ASN A 58 -2.21 14.73 -18.97
N LYS A 59 -3.16 15.61 -19.28
CA LYS A 59 -4.20 15.28 -20.26
C LYS A 59 -3.60 14.91 -21.61
N HIS A 60 -2.55 15.62 -22.03
CA HIS A 60 -1.95 15.31 -23.32
C HIS A 60 -1.43 13.88 -23.35
N ALA A 61 -0.65 13.48 -22.34
CA ALA A 61 -0.16 12.11 -22.29
C ALA A 61 -1.31 11.11 -22.28
N ALA A 62 -2.36 11.40 -21.52
CA ALA A 62 -3.40 10.41 -21.30
C ALA A 62 -4.23 10.17 -22.55
N ILE A 63 -4.59 11.24 -23.27
CA ILE A 63 -5.58 11.06 -24.33
C ILE A 63 -5.31 11.81 -25.63
N GLU A 64 -4.15 12.44 -25.76
CA GLU A 64 -3.86 13.21 -26.97
C GLU A 64 -2.59 12.80 -27.70
N GLU A 65 -1.57 12.34 -26.98
CA GLU A 65 -0.29 12.00 -27.58
C GLU A 65 -0.45 10.95 -28.67
N ASP A 66 0.11 11.23 -29.85
CA ASP A 66 0.09 10.26 -30.94
C ASP A 66 1.34 9.38 -30.98
N PHE A 67 2.35 9.70 -30.18
CA PHE A 67 3.58 8.89 -30.06
C PHE A 67 4.32 8.78 -31.39
N SER A 68 4.16 9.78 -32.26
CA SER A 68 4.85 9.76 -33.54
C SER A 68 6.37 9.80 -33.36
N GLU A 69 6.84 10.42 -32.28
CA GLU A 69 8.26 10.52 -32.00
C GLU A 69 8.75 9.44 -31.04
N PHE A 70 7.92 8.44 -30.75
CA PHE A 70 8.26 7.40 -29.79
C PHE A 70 8.04 6.03 -30.42
N ASP A 71 8.55 5.02 -29.74
CA ASP A 71 8.59 3.66 -30.26
C ASP A 71 7.50 2.84 -29.59
N LEU A 72 6.38 2.68 -30.29
CA LEU A 72 5.29 1.82 -29.84
C LEU A 72 5.45 0.48 -30.58
N ASN A 73 5.94 -0.52 -29.86
CA ASN A 73 6.08 -1.86 -30.43
C ASN A 73 5.95 -2.87 -29.31
N TYR A 74 5.42 -4.04 -29.65
CA TYR A 74 5.21 -5.11 -28.69
C TYR A 74 5.44 -6.44 -29.40
N ASN A 75 6.22 -7.31 -28.76
CA ASN A 75 6.60 -8.58 -29.37
C ASN A 75 7.23 -8.36 -30.75
N GLY A 76 8.03 -7.32 -30.85
CA GLY A 76 8.72 -7.03 -32.09
C GLY A 76 7.85 -6.51 -33.22
N LYS A 77 6.58 -6.22 -32.95
CA LYS A 77 5.65 -5.70 -33.94
C LYS A 77 5.27 -4.27 -33.61
N LYS A 78 5.26 -3.41 -34.62
CA LYS A 78 4.86 -2.03 -34.40
C LYS A 78 3.40 -1.99 -33.98
N ILE A 79 3.12 -1.24 -32.91
CA ILE A 79 1.76 -1.03 -32.42
C ILE A 79 1.29 0.32 -32.93
N GLU A 80 0.17 0.33 -33.64
CA GLU A 80 -0.46 1.57 -34.06
C GLU A 80 -1.62 1.88 -33.12
N LEU A 81 -1.85 3.16 -32.87
CA LEU A 81 -3.06 3.55 -32.18
C LEU A 81 -4.27 3.07 -32.95
N ASP A 82 -5.31 2.70 -32.23
CA ASP A 82 -6.58 2.34 -32.85
C ASP A 82 -7.22 3.61 -33.41
N PRO A 83 -7.33 3.77 -34.74
CA PRO A 83 -7.90 5.02 -35.27
C PRO A 83 -9.40 5.14 -35.05
N SER A 84 -10.08 4.08 -34.63
CA SER A 84 -11.52 4.12 -34.45
C SER A 84 -11.94 4.62 -33.06
N LEU A 85 -10.98 4.84 -32.15
CA LEU A 85 -11.29 5.40 -30.85
C LEU A 85 -11.28 6.92 -30.89
N PRO A 86 -12.11 7.57 -30.07
CA PRO A 86 -12.18 9.04 -30.10
C PRO A 86 -11.15 9.73 -29.23
N TYR A 87 -10.10 9.02 -28.84
CA TYR A 87 -9.00 9.59 -28.09
C TYR A 87 -7.72 8.89 -28.52
N LYS A 88 -6.59 9.54 -28.25
CA LYS A 88 -5.27 8.96 -28.48
C LYS A 88 -4.62 8.77 -27.10
N GLY A 89 -3.33 9.05 -27.00
CA GLY A 89 -2.67 8.97 -25.70
C GLY A 89 -2.48 7.57 -25.16
N HIS A 90 -1.97 7.53 -23.94
CA HIS A 90 -1.81 6.25 -23.23
C HIS A 90 -3.10 5.45 -23.23
N PHE A 91 -4.25 6.13 -23.08
CA PHE A 91 -5.52 5.43 -22.96
C PHE A 91 -5.84 4.65 -24.22
N ASN A 92 -5.53 5.23 -25.39
CA ASN A 92 -5.71 4.49 -26.64
C ASN A 92 -4.84 3.25 -26.66
N VAL A 93 -3.55 3.40 -26.32
CA VAL A 93 -2.65 2.25 -26.37
C VAL A 93 -3.10 1.17 -25.40
N LEU A 94 -3.54 1.57 -24.20
CA LEU A 94 -4.06 0.60 -23.24
C LEU A 94 -5.22 -0.20 -23.82
N GLN A 95 -6.19 0.49 -24.42
CA GLN A 95 -7.35 -0.19 -24.97
C GLN A 95 -6.96 -1.08 -26.14
N THR A 96 -6.01 -0.62 -26.95
CA THR A 96 -5.52 -1.40 -28.08
C THR A 96 -4.83 -2.67 -27.61
N MET A 97 -3.94 -2.55 -26.62
CA MET A 97 -3.29 -3.74 -26.07
C MET A 97 -4.31 -4.67 -25.41
N LYS A 98 -5.29 -4.09 -24.71
CA LYS A 98 -6.29 -4.89 -24.00
C LYS A 98 -6.97 -5.89 -24.92
N LYS A 99 -7.11 -5.55 -26.20
CA LYS A 99 -7.75 -6.47 -27.14
C LYS A 99 -7.03 -7.81 -27.18
N ASN A 100 -5.72 -7.81 -27.03
CA ASN A 100 -4.93 -9.05 -26.98
C ASN A 100 -4.72 -9.56 -25.56
N TYR A 101 -5.07 -8.76 -24.55
CA TYR A 101 -4.95 -9.15 -23.14
C TYR A 101 -6.27 -8.86 -22.44
N PRO A 102 -7.35 -9.51 -22.87
CA PRO A 102 -8.68 -9.12 -22.36
C PRO A 102 -8.88 -9.39 -20.88
N ASP A 103 -8.09 -10.26 -20.27
CA ASP A 103 -8.25 -10.59 -18.86
C ASP A 103 -7.39 -9.74 -17.94
N VAL A 104 -6.64 -8.78 -18.48
CA VAL A 104 -5.89 -7.83 -17.66
C VAL A 104 -6.81 -6.67 -17.33
N SER A 105 -7.04 -6.44 -16.03
CA SER A 105 -7.92 -5.35 -15.60
C SER A 105 -7.17 -4.02 -15.58
N LEU A 106 -7.86 -2.97 -16.01
CA LEU A 106 -7.33 -1.62 -16.02
C LEU A 106 -8.07 -0.77 -15.00
N LEU A 107 -7.35 -0.12 -14.10
CA LEU A 107 -7.96 0.78 -13.14
C LEU A 107 -7.32 2.16 -13.23
N ILE A 108 -8.12 3.18 -12.95
CA ILE A 108 -7.61 4.55 -12.85
C ILE A 108 -7.31 4.82 -11.39
N SER A 109 -6.05 5.18 -11.11
N SER A 109 -6.05 5.17 -11.10
CA SER A 109 -5.66 5.52 -9.75
CA SER A 109 -5.63 5.52 -9.75
C SER A 109 -5.76 7.02 -9.54
C SER A 109 -5.76 7.02 -9.56
N VAL A 110 -6.50 7.41 -8.51
CA VAL A 110 -6.76 8.82 -8.20
C VAL A 110 -6.02 9.17 -6.92
N GLY A 111 -5.18 10.19 -6.99
CA GLY A 111 -4.45 10.63 -5.83
C GLY A 111 -2.94 10.59 -5.98
N GLY A 112 -2.28 9.90 -5.04
CA GLY A 112 -0.83 9.91 -5.00
C GLY A 112 -0.30 11.12 -4.26
N TRP A 113 1.03 11.17 -4.14
CA TRP A 113 1.66 12.18 -3.30
C TRP A 113 1.35 13.59 -3.78
N THR A 114 1.27 13.79 -5.09
CA THR A 114 1.03 15.10 -5.67
C THR A 114 -0.37 15.27 -6.23
N GLY A 115 -1.25 14.28 -6.04
CA GLY A 115 -2.60 14.36 -6.56
C GLY A 115 -3.68 14.21 -5.49
N THR A 116 -3.31 14.35 -4.23
CA THR A 116 -4.26 14.24 -3.13
C THR A 116 -4.89 15.58 -2.76
N ARG A 117 -4.31 16.70 -3.19
CA ARG A 117 -4.68 18.00 -2.63
C ARG A 117 -6.20 18.22 -2.63
N CYS A 118 -6.85 18.06 -3.77
CA CYS A 118 -8.27 18.44 -3.83
C CYS A 118 -9.19 17.37 -3.27
N PHE A 119 -8.67 16.22 -2.85
CA PHE A 119 -9.48 15.32 -2.04
C PHE A 119 -9.95 16.01 -0.77
N TYR A 120 -9.09 16.87 -0.19
CA TYR A 120 -9.40 17.43 1.13
C TYR A 120 -10.68 18.28 1.07
N THR A 121 -10.84 19.06 0.00
CA THR A 121 -12.05 19.88 -0.12
C THR A 121 -13.22 19.08 -0.68
N MET A 122 -12.95 18.08 -1.53
CA MET A 122 -14.04 17.29 -2.11
C MET A 122 -14.78 16.49 -1.04
N ILE A 123 -14.07 16.02 0.00
CA ILE A 123 -14.75 15.22 1.02
CA ILE A 123 -14.75 15.22 1.02
C ILE A 123 -15.50 16.07 2.04
N ASP A 124 -15.48 17.40 1.89
CA ASP A 124 -16.12 18.27 2.88
C ASP A 124 -17.63 18.05 2.97
N THR A 125 -18.29 17.72 1.86
CA THR A 125 -19.74 17.53 1.87
C THR A 125 -20.12 16.27 1.13
N ASP A 126 -21.30 15.74 1.49
CA ASP A 126 -21.79 14.54 0.83
C ASP A 126 -22.11 14.79 -0.64
N ASN A 127 -22.60 15.99 -0.97
CA ASN A 127 -22.90 16.29 -2.36
C ASN A 127 -21.63 16.31 -3.21
N ARG A 128 -20.52 16.80 -2.66
CA ARG A 128 -19.28 16.79 -3.42
C ARG A 128 -18.76 15.37 -3.58
N ILE A 129 -18.90 14.54 -2.54
CA ILE A 129 -18.51 13.14 -2.66
C ILE A 129 -19.36 12.45 -3.72
N ASN A 130 -20.67 12.70 -3.70
CA ASN A 130 -21.55 12.11 -4.70
C ASN A 130 -21.14 12.54 -6.12
N THR A 131 -20.87 13.83 -6.29
CA THR A 131 -20.42 14.33 -7.59
C THR A 131 -19.14 13.63 -8.03
N PHE A 132 -18.17 13.51 -7.12
CA PHE A 132 -16.92 12.84 -7.47
C PHE A 132 -17.15 11.39 -7.84
N ALA A 133 -17.94 10.67 -7.03
CA ALA A 133 -18.18 9.26 -7.30
C ALA A 133 -18.89 9.07 -8.64
N ASP A 134 -19.92 9.89 -8.90
CA ASP A 134 -20.58 9.83 -10.21
C ASP A 134 -19.60 10.09 -11.34
N SER A 135 -18.68 11.04 -11.13
CA SER A 135 -17.73 11.37 -12.20
C SER A 135 -16.77 10.21 -12.45
N CYS A 136 -16.44 9.44 -11.41
CA CYS A 136 -15.59 8.26 -11.60
C CYS A 136 -16.30 7.22 -12.46
N VAL A 137 -17.59 6.99 -12.21
CA VAL A 137 -18.37 6.08 -13.04
C VAL A 137 -18.38 6.55 -14.49
N ASP A 138 -18.65 7.85 -14.69
CA ASP A 138 -18.65 8.38 -16.05
C ASP A 138 -17.31 8.15 -16.73
N PHE A 139 -16.22 8.34 -15.98
CA PHE A 139 -14.87 8.29 -16.52
C PHE A 139 -14.49 6.88 -16.93
N ILE A 140 -14.77 5.88 -16.09
CA ILE A 140 -14.36 4.52 -16.44
C ILE A 140 -15.19 4.01 -17.62
N ARG A 141 -16.44 4.44 -17.74
CA ARG A 141 -17.23 4.09 -18.92
C ARG A 141 -16.65 4.71 -20.17
N LYS A 142 -16.29 5.99 -20.10
CA LYS A 142 -15.82 6.71 -21.28
C LYS A 142 -14.51 6.14 -21.80
N TYR A 143 -13.60 5.77 -20.90
CA TYR A 143 -12.25 5.41 -21.29
C TYR A 143 -11.97 3.92 -21.13
N GLY A 144 -12.99 3.11 -20.90
CA GLY A 144 -12.82 1.67 -20.91
C GLY A 144 -12.00 1.15 -19.76
N PHE A 145 -12.14 1.74 -18.58
CA PHE A 145 -11.50 1.23 -17.38
C PHE A 145 -12.42 0.25 -16.66
N ASP A 146 -11.80 -0.67 -15.94
CA ASP A 146 -12.49 -1.71 -15.19
C ASP A 146 -12.71 -1.34 -13.73
N GLY A 147 -12.18 -0.21 -13.28
CA GLY A 147 -12.36 0.15 -11.89
C GLY A 147 -11.58 1.38 -11.52
N VAL A 148 -11.65 1.67 -10.22
CA VAL A 148 -11.10 2.89 -9.61
C VAL A 148 -10.23 2.48 -8.43
N ASP A 149 -9.04 3.05 -8.35
CA ASP A 149 -8.12 2.87 -7.23
C ASP A 149 -7.96 4.22 -6.53
N ILE A 150 -8.21 4.26 -5.23
CA ILE A 150 -8.10 5.49 -4.46
C ILE A 150 -6.78 5.47 -3.68
N ASP A 151 -5.96 6.49 -3.92
CA ASP A 151 -4.64 6.62 -3.31
CA ASP A 151 -4.64 6.63 -3.32
C ASP A 151 -4.56 7.97 -2.60
N PHE A 152 -5.38 8.13 -1.57
CA PHE A 152 -5.46 9.33 -0.75
C PHE A 152 -4.30 9.33 0.24
N GLU A 153 -3.39 10.29 0.12
CA GLU A 153 -2.18 10.32 0.93
C GLU A 153 -2.16 11.59 1.79
N TYR A 154 -2.78 11.54 2.98
CA TYR A 154 -3.37 10.41 3.71
C TYR A 154 -4.61 10.90 4.47
N PRO A 155 -5.62 10.04 4.56
CA PRO A 155 -6.84 10.40 5.31
C PRO A 155 -6.68 10.16 6.81
N SER A 156 -5.72 10.88 7.42
CA SER A 156 -5.30 10.63 8.79
C SER A 156 -5.35 11.90 9.61
N SER A 157 -5.68 11.75 10.90
CA SER A 157 -5.61 12.88 11.82
C SER A 157 -4.18 13.20 12.25
N THR A 158 -3.21 12.39 11.86
CA THR A 158 -1.83 12.62 12.29
C THR A 158 -1.34 13.96 11.77
N SER A 159 -1.02 14.86 12.69
CA SER A 159 -0.58 16.19 12.29
C SER A 159 0.65 16.12 11.40
N GLN A 160 0.64 16.88 10.31
CA GLN A 160 1.79 17.06 9.43
C GLN A 160 2.10 15.79 8.63
N SER A 161 1.12 14.90 8.49
CA SER A 161 1.22 13.79 7.54
C SER A 161 0.74 14.26 6.16
N GLY A 162 1.04 13.47 5.14
CA GLY A 162 0.72 13.86 3.78
C GLY A 162 1.68 14.90 3.25
N ASN A 163 1.34 15.41 2.07
CA ASN A 163 2.23 16.35 1.39
C ASN A 163 2.23 17.69 2.13
N PRO A 164 3.38 18.20 2.53
CA PRO A 164 3.40 19.50 3.24
C PRO A 164 2.82 20.64 2.41
N ASP A 165 2.83 20.54 1.08
CA ASP A 165 2.23 21.57 0.25
C ASP A 165 0.73 21.68 0.51
N ASP A 166 0.12 20.66 1.11
CA ASP A 166 -1.31 20.61 1.33
C ASP A 166 -1.71 20.86 2.77
N PHE A 167 -0.76 21.22 3.63
CA PHE A 167 -1.08 21.44 5.04
C PHE A 167 -2.18 22.49 5.21
N ASP A 168 -2.26 23.46 4.29
CA ASP A 168 -3.29 24.49 4.39
C ASP A 168 -4.69 23.91 4.27
N LEU A 169 -4.83 22.74 3.64
CA LEU A 169 -6.11 22.05 3.56
C LEU A 169 -6.22 20.88 4.55
N SER A 170 -5.14 20.14 4.77
CA SER A 170 -5.24 18.95 5.62
C SER A 170 -5.27 19.30 7.10
N GLU A 171 -4.47 20.27 7.53
CA GLU A 171 -4.36 20.54 8.95
C GLU A 171 -5.68 21.02 9.56
N PRO A 172 -6.44 21.92 8.93
CA PRO A 172 -7.75 22.30 9.50
C PRO A 172 -8.74 21.16 9.55
N ARG A 173 -8.50 20.05 8.84
CA ARG A 173 -9.46 18.98 8.68
C ARG A 173 -9.09 17.70 9.41
N ARG A 174 -8.01 17.70 10.21
CA ARG A 174 -7.49 16.45 10.74
C ARG A 174 -8.54 15.65 11.49
N THR A 175 -9.36 16.31 12.30
CA THR A 175 -10.26 15.56 13.17
C THR A 175 -11.33 14.80 12.41
N LYS A 176 -11.62 15.18 11.15
CA LYS A 176 -12.69 14.54 10.42
C LYS A 176 -12.24 13.70 9.22
N LEU A 177 -10.95 13.73 8.86
CA LEU A 177 -10.54 13.11 7.61
C LEU A 177 -10.89 11.61 7.57
N ASN A 178 -10.66 10.89 8.66
CA ASN A 178 -10.91 9.45 8.68
C ASN A 178 -12.39 9.16 8.49
N GLU A 179 -13.27 9.89 9.19
CA GLU A 179 -14.70 9.71 9.02
C GLU A 179 -15.14 10.02 7.58
N ARG A 180 -14.66 11.14 7.04
CA ARG A 180 -15.10 11.53 5.70
C ARG A 180 -14.54 10.61 4.63
N TYR A 181 -13.33 10.09 4.84
CA TYR A 181 -12.78 9.11 3.91
C TYR A 181 -13.60 7.83 3.89
N ASN A 182 -14.06 7.38 5.05
CA ASN A 182 -14.91 6.20 5.08
C ASN A 182 -16.19 6.41 4.29
N ILE A 183 -16.78 7.62 4.37
CA ILE A 183 -17.97 7.90 3.58
C ILE A 183 -17.62 7.92 2.09
N LEU A 184 -16.45 8.48 1.75
CA LEU A 184 -16.03 8.51 0.35
C LEU A 184 -15.96 7.10 -0.22
N ILE A 185 -15.28 6.19 0.47
CA ILE A 185 -15.09 4.85 -0.07
C ILE A 185 -16.43 4.12 -0.17
N LYS A 186 -17.26 4.22 0.87
CA LYS A 186 -18.58 3.58 0.84
C LYS A 186 -19.43 4.10 -0.31
N THR A 187 -19.40 5.42 -0.54
CA THR A 187 -20.19 6.00 -1.63
C THR A 187 -19.66 5.53 -2.98
N LEU A 188 -18.34 5.49 -3.16
CA LEU A 188 -17.77 4.97 -4.40
C LEU A 188 -18.25 3.54 -4.64
N ARG A 189 -18.20 2.69 -3.60
CA ARG A 189 -18.66 1.31 -3.77
C ARG A 189 -20.11 1.27 -4.21
N GLU A 190 -20.97 2.08 -3.59
CA GLU A 190 -22.38 2.06 -3.94
C GLU A 190 -22.60 2.47 -5.40
N LYS A 191 -21.96 3.55 -5.83
CA LYS A 191 -22.16 4.01 -7.20
C LYS A 191 -21.56 3.03 -8.20
N ILE A 192 -20.38 2.47 -7.89
CA ILE A 192 -19.72 1.58 -8.83
C ILE A 192 -20.50 0.27 -8.97
N ASP A 193 -21.05 -0.24 -7.86
CA ASP A 193 -21.86 -1.45 -7.94
C ASP A 193 -23.11 -1.22 -8.80
N MET A 194 -23.74 -0.05 -8.68
CA MET A 194 -24.90 0.24 -9.51
C MET A 194 -24.49 0.29 -10.99
N ALA A 195 -23.36 0.91 -11.30
CA ALA A 195 -22.88 0.95 -12.68
C ALA A 195 -22.60 -0.44 -13.20
N SER A 196 -22.02 -1.30 -12.36
CA SER A 196 -21.78 -2.69 -12.76
C SER A 196 -23.08 -3.36 -13.19
N LYS A 197 -24.12 -3.25 -12.37
CA LYS A 197 -25.39 -3.85 -12.71
C LYS A 197 -25.95 -3.28 -14.01
N GLU A 198 -25.87 -1.96 -14.18
CA GLU A 198 -26.41 -1.33 -15.38
C GLU A 198 -25.68 -1.80 -16.62
N ASP A 199 -24.36 -1.97 -16.54
CA ASP A 199 -23.53 -2.22 -17.70
C ASP A 199 -23.26 -3.70 -17.94
N GLY A 200 -23.64 -4.57 -17.02
CA GLY A 200 -23.30 -5.98 -17.17
C GLY A 200 -21.81 -6.23 -17.07
N LYS A 201 -21.10 -5.42 -16.31
CA LYS A 201 -19.66 -5.52 -16.10
C LYS A 201 -19.41 -5.60 -14.59
N GLU A 202 -18.25 -6.12 -14.22
CA GLU A 202 -17.87 -6.24 -12.81
C GLU A 202 -16.77 -5.22 -12.52
N TYR A 203 -17.18 -4.00 -12.19
CA TYR A 203 -16.23 -2.93 -11.94
C TYR A 203 -15.61 -3.08 -10.54
N LEU A 204 -14.36 -2.64 -10.41
CA LEU A 204 -13.58 -2.80 -9.19
C LEU A 204 -13.39 -1.47 -8.47
N LEU A 205 -13.20 -1.57 -7.16
CA LEU A 205 -12.81 -0.45 -6.32
C LEU A 205 -11.70 -0.93 -5.41
N THR A 206 -10.54 -0.29 -5.48
CA THR A 206 -9.37 -0.69 -4.70
C THR A 206 -8.78 0.55 -4.04
N ALA A 207 -7.84 0.32 -3.14
CA ALA A 207 -7.13 1.44 -2.52
C ALA A 207 -5.68 1.04 -2.21
N ALA A 208 -4.78 2.00 -2.38
CA ALA A 208 -3.41 1.91 -1.92
C ALA A 208 -3.32 2.65 -0.60
N VAL A 209 -2.81 1.98 0.45
CA VAL A 209 -2.93 2.50 1.80
C VAL A 209 -1.59 2.49 2.51
N THR A 210 -1.50 3.36 3.51
CA THR A 210 -0.26 3.52 4.25
C THR A 210 0.09 2.27 5.06
N ALA A 211 1.39 2.04 5.20
CA ALA A 211 1.94 1.06 6.12
C ALA A 211 2.66 1.73 7.29
N SER A 212 2.54 3.04 7.41
CA SER A 212 3.27 3.79 8.42
C SER A 212 2.55 3.77 9.75
N PRO A 213 3.18 3.26 10.83
CA PRO A 213 2.53 3.38 12.14
C PRO A 213 2.21 4.81 12.54
N TRP A 214 3.05 5.76 12.11
CA TRP A 214 2.82 7.17 12.44
C TRP A 214 1.56 7.68 11.78
N VAL A 215 1.37 7.41 10.49
CA VAL A 215 0.13 7.80 9.83
C VAL A 215 -1.06 7.03 10.40
N LEU A 216 -0.87 5.73 10.65
CA LEU A 216 -1.99 4.90 11.09
C LEU A 216 -2.46 5.25 12.50
N GLY A 217 -1.59 5.84 13.32
CA GLY A 217 -2.05 6.29 14.64
C GLY A 217 -3.20 7.25 14.56
N GLY A 218 -3.37 7.92 13.42
CA GLY A 218 -4.47 8.85 13.24
C GLY A 218 -5.57 8.31 12.33
N ILE A 219 -5.64 7.00 12.16
CA ILE A 219 -6.66 6.36 11.32
C ILE A 219 -7.36 5.32 12.19
N SER A 220 -8.47 5.70 12.81
CA SER A 220 -9.13 4.80 13.76
C SER A 220 -10.07 3.83 13.07
N ASP A 221 -10.92 4.32 12.17
CA ASP A 221 -11.95 3.51 11.53
C ASP A 221 -11.43 2.98 10.21
N ASN A 222 -11.24 1.66 10.12
CA ASN A 222 -10.79 1.03 8.89
C ASN A 222 -11.89 0.20 8.24
N THR A 223 -13.16 0.52 8.55
CA THR A 223 -14.28 -0.17 7.93
C THR A 223 -14.24 -0.06 6.41
N TYR A 224 -13.68 1.03 5.88
CA TYR A 224 -13.66 1.23 4.43
C TYR A 224 -13.03 0.04 3.72
N ALA A 225 -12.12 -0.69 4.38
CA ALA A 225 -11.40 -1.77 3.73
C ALA A 225 -12.35 -2.86 3.24
N LYS A 226 -13.47 -3.06 3.94
CA LYS A 226 -14.43 -4.09 3.58
C LYS A 226 -15.17 -3.78 2.29
N TYR A 227 -15.09 -2.54 1.79
CA TYR A 227 -15.73 -2.14 0.54
C TYR A 227 -14.79 -2.26 -0.66
N LEU A 228 -13.57 -2.75 -0.45
CA LEU A 228 -12.57 -2.84 -1.50
C LEU A 228 -12.46 -4.26 -2.04
N ASP A 229 -12.20 -4.36 -3.35
CA ASP A 229 -11.87 -5.66 -3.91
C ASP A 229 -10.52 -6.15 -3.42
N PHE A 230 -9.56 -5.25 -3.27
CA PHE A 230 -8.33 -5.56 -2.56
C PHE A 230 -7.75 -4.27 -1.99
N LEU A 231 -6.91 -4.46 -0.97
CA LEU A 231 -6.25 -3.38 -0.25
C LEU A 231 -4.75 -3.55 -0.48
N SER A 232 -4.12 -2.53 -1.07
CA SER A 232 -2.71 -2.57 -1.45
C SER A 232 -1.90 -1.88 -0.36
N ILE A 233 -1.11 -2.64 0.36
CA ILE A 233 -0.25 -2.07 1.41
C ILE A 233 0.99 -1.48 0.76
N MET A 234 1.21 -0.18 0.98
CA MET A 234 2.40 0.50 0.46
C MET A 234 3.58 0.20 1.38
N SER A 235 4.03 -1.06 1.31
CA SER A 235 5.09 -1.58 2.17
C SER A 235 6.46 -1.25 1.57
N TYR A 236 6.69 0.05 1.42
CA TYR A 236 7.94 0.62 0.91
C TYR A 236 7.98 2.07 1.41
N ASP A 237 9.08 2.76 1.09
CA ASP A 237 9.36 4.08 1.66
C ASP A 237 9.41 4.03 3.19
N TYR A 238 9.79 2.88 3.74
CA TYR A 238 9.94 2.77 5.18
C TYR A 238 11.13 3.58 5.67
N HIS A 239 12.13 3.75 4.82
CA HIS A 239 13.40 4.37 5.15
C HIS A 239 13.89 5.10 3.93
N GLY A 240 14.65 6.17 4.15
CA GLY A 240 15.10 6.98 3.04
C GLY A 240 15.80 8.24 3.53
N GLY A 241 16.12 9.11 2.58
CA GLY A 241 17.00 10.24 2.85
C GLY A 241 16.43 11.28 3.78
N TRP A 242 15.15 11.16 4.16
CA TRP A 242 14.57 12.16 5.05
C TRP A 242 15.11 12.07 6.47
N ASN A 243 15.79 10.97 6.84
CA ASN A 243 16.42 10.91 8.14
C ASN A 243 17.72 10.13 8.05
N GLU A 244 18.35 9.93 9.20
CA GLU A 244 19.72 9.44 9.26
C GLU A 244 19.84 7.92 9.24
N TYR A 245 18.74 7.20 9.31
CA TYR A 245 18.79 5.75 9.57
C TYR A 245 19.00 4.99 8.27
N VAL A 246 20.22 4.53 8.06
CA VAL A 246 20.58 3.74 6.87
C VAL A 246 19.98 2.34 7.08
N GLU A 247 18.79 2.13 6.49
CA GLU A 247 17.98 0.95 6.73
C GLU A 247 17.24 0.63 5.44
N HIS A 248 16.50 -0.48 5.46
CA HIS A 248 15.90 -0.99 4.23
C HIS A 248 14.65 -0.23 3.83
N LEU A 249 14.52 -0.02 2.52
CA LEU A 249 13.35 0.66 1.95
C LEU A 249 12.08 -0.14 2.17
N ALA A 250 12.16 -1.47 2.14
CA ALA A 250 10.97 -2.30 1.97
C ALA A 250 11.17 -3.69 2.57
N GLY A 251 11.70 -3.75 3.79
CA GLY A 251 11.88 -5.04 4.43
C GLY A 251 10.57 -5.80 4.57
N ILE A 252 10.69 -7.13 4.56
CA ILE A 252 9.52 -7.99 4.70
C ILE A 252 9.22 -8.28 6.18
N TYR A 253 10.24 -8.76 6.92
CA TYR A 253 10.04 -9.26 8.26
C TYR A 253 10.57 -8.28 9.31
N PRO A 254 10.03 -8.32 10.53
CA PRO A 254 10.51 -7.41 11.57
C PRO A 254 11.99 -7.63 11.84
N ASN A 255 12.71 -6.53 11.98
CA ASN A 255 14.17 -6.57 12.16
C ASN A 255 14.51 -5.80 13.43
N LYS A 256 14.88 -6.53 14.47
CA LYS A 256 15.21 -5.92 15.76
C LYS A 256 16.44 -5.02 15.68
N GLU A 257 17.19 -5.09 14.58
CA GLU A 257 18.38 -4.25 14.39
C GLU A 257 18.09 -2.97 13.61
N ASP A 258 16.86 -2.77 13.15
CA ASP A 258 16.45 -1.49 12.55
C ASP A 258 16.59 -0.40 13.59
N ARG A 259 17.59 0.48 13.43
CA ARG A 259 17.91 1.43 14.48
C ARG A 259 16.77 2.39 14.78
N GLU A 260 15.91 2.64 13.79
CA GLU A 260 14.85 3.62 13.99
C GLU A 260 13.81 3.14 14.99
N THR A 261 13.64 1.82 15.13
CA THR A 261 12.59 1.27 15.98
C THR A 261 13.15 0.38 17.10
N VAL A 262 14.44 0.49 17.41
N VAL A 262 14.45 0.47 17.39
CA VAL A 262 15.07 -0.46 18.31
CA VAL A 262 15.06 -0.48 18.33
C VAL A 262 14.49 -0.39 19.72
C VAL A 262 14.36 -0.43 19.68
N THR A 263 13.89 0.74 20.09
CA THR A 263 13.37 0.91 21.44
C THR A 263 11.87 0.65 21.51
N GLN A 264 11.20 0.52 20.37
CA GLN A 264 9.76 0.32 20.38
C GLN A 264 9.43 -1.11 20.80
N ILE A 265 8.14 -1.35 21.08
CA ILE A 265 7.81 -2.66 21.62
C ILE A 265 7.97 -3.74 20.56
N MET A 266 7.93 -3.40 19.27
CA MET A 266 8.25 -4.33 18.21
C MET A 266 8.67 -3.54 16.97
N PRO A 267 9.43 -4.15 16.07
CA PRO A 267 9.82 -3.46 14.83
C PRO A 267 8.62 -3.34 13.88
N THR A 268 8.34 -2.11 13.45
CA THR A 268 7.12 -1.81 12.71
C THR A 268 7.35 -1.50 11.23
N LEU A 269 8.57 -1.22 10.82
CA LEU A 269 8.82 -0.69 9.46
C LEU A 269 9.19 -1.84 8.52
N CYS A 270 8.21 -2.72 8.33
CA CYS A 270 8.32 -3.92 7.52
C CYS A 270 6.92 -4.33 7.10
N MET A 271 6.83 -5.00 5.95
N MET A 271 6.83 -5.04 5.99
CA MET A 271 5.54 -5.43 5.42
CA MET A 271 5.52 -5.37 5.45
C MET A 271 4.75 -6.20 6.47
C MET A 271 4.73 -6.26 6.41
N ASP A 272 5.41 -7.14 7.15
CA ASP A 272 4.69 -8.06 8.03
C ASP A 272 3.98 -7.35 9.17
N TRP A 273 4.52 -6.21 9.65
CA TRP A 273 3.81 -5.47 10.68
C TRP A 273 2.49 -4.91 10.12
N ALA A 274 2.55 -4.32 8.93
CA ALA A 274 1.34 -3.78 8.32
C ALA A 274 0.34 -4.88 7.98
N TYR A 275 0.84 -6.05 7.57
CA TYR A 275 -0.04 -7.20 7.36
C TYR A 275 -0.85 -7.49 8.63
N ARG A 276 -0.16 -7.63 9.76
CA ARG A 276 -0.85 -7.87 11.02
C ARG A 276 -1.82 -6.74 11.34
N TYR A 277 -1.41 -5.50 11.10
CA TYR A 277 -2.29 -4.36 11.38
C TYR A 277 -3.62 -4.51 10.64
N TYR A 278 -3.57 -4.77 9.34
CA TYR A 278 -4.77 -4.78 8.51
C TYR A 278 -5.57 -6.07 8.64
N ARG A 279 -5.00 -7.12 9.23
CA ARG A 279 -5.77 -8.33 9.48
C ARG A 279 -6.92 -8.08 10.44
N GLY A 280 -6.89 -6.96 11.16
CA GLY A 280 -8.01 -6.60 12.01
C GLY A 280 -9.31 -6.38 11.22
N VAL A 281 -9.21 -6.02 9.95
CA VAL A 281 -10.40 -5.73 9.16
C VAL A 281 -10.51 -6.55 7.88
N LEU A 282 -9.44 -7.20 7.43
CA LEU A 282 -9.50 -7.96 6.19
C LEU A 282 -8.89 -9.34 6.33
N PRO A 283 -9.35 -10.30 5.52
CA PRO A 283 -8.64 -11.57 5.37
C PRO A 283 -7.40 -11.36 4.50
N ALA A 284 -6.43 -12.26 4.68
CA ALA A 284 -5.17 -12.15 3.95
C ALA A 284 -5.39 -12.10 2.44
N GLU A 285 -6.36 -12.85 1.92
CA GLU A 285 -6.51 -12.95 0.48
C GLU A 285 -7.02 -11.65 -0.15
N LYS A 286 -7.42 -10.66 0.64
CA LYS A 286 -7.77 -9.35 0.12
C LYS A 286 -6.66 -8.32 0.31
N ILE A 287 -5.50 -8.75 0.81
CA ILE A 287 -4.38 -7.85 1.11
C ILE A 287 -3.27 -8.12 0.11
N LEU A 288 -2.69 -7.05 -0.44
CA LEU A 288 -1.56 -7.17 -1.34
C LEU A 288 -0.29 -6.58 -0.71
N MET A 289 0.83 -7.23 -0.99
CA MET A 289 2.14 -6.74 -0.60
C MET A 289 2.65 -5.74 -1.62
N GLY A 290 3.11 -4.58 -1.14
CA GLY A 290 3.74 -3.59 -2.00
C GLY A 290 5.20 -3.89 -2.21
N ILE A 291 5.63 -3.80 -3.47
CA ILE A 291 6.99 -4.13 -3.87
C ILE A 291 7.55 -2.93 -4.62
N PRO A 292 8.71 -2.39 -4.24
CA PRO A 292 9.33 -1.30 -5.00
C PRO A 292 10.29 -1.81 -6.08
N TYR A 293 10.24 -1.17 -7.24
CA TYR A 293 11.26 -1.34 -8.27
C TYR A 293 12.14 -0.11 -8.39
N TYR A 294 12.34 0.59 -7.27
CA TYR A 294 13.22 1.73 -7.17
C TYR A 294 13.96 1.62 -5.86
N THR A 295 14.95 2.50 -5.68
CA THR A 295 15.80 2.50 -4.51
C THR A 295 15.69 3.83 -3.77
N ARG A 296 16.15 3.82 -2.52
CA ARG A 296 16.55 5.03 -1.81
C ARG A 296 17.90 4.75 -1.18
N GLY A 297 18.64 5.81 -0.86
CA GLY A 297 19.99 5.57 -0.38
C GLY A 297 20.67 6.80 0.14
N TRP A 298 21.88 6.56 0.67
CA TRP A 298 22.66 7.56 1.39
C TRP A 298 24.11 7.47 0.93
N GLU A 299 24.82 8.58 1.03
CA GLU A 299 26.27 8.61 0.84
C GLU A 299 26.92 9.13 2.11
N ASN A 300 28.25 9.01 2.13
N ASN A 300 28.25 9.01 2.17
CA ASN A 300 29.07 9.31 3.31
CA ASN A 300 29.01 9.38 3.36
C ASN A 300 28.48 8.63 4.55
C ASN A 300 28.56 8.60 4.59
N VAL A 301 28.13 7.36 4.39
CA VAL A 301 27.56 6.59 5.49
C VAL A 301 28.62 6.33 6.55
N GLN A 302 28.27 6.60 7.81
CA GLN A 302 29.13 6.35 8.96
C GLN A 302 28.67 5.09 9.68
N GLY A 303 29.64 4.28 10.11
CA GLY A 303 29.30 3.10 10.87
C GLY A 303 28.56 2.07 10.05
N GLY A 304 27.79 1.24 10.75
CA GLY A 304 27.08 0.14 10.14
C GLY A 304 28.01 -0.97 9.71
N ILE A 305 27.43 -1.99 9.09
CA ILE A 305 28.17 -3.09 8.48
C ILE A 305 27.72 -3.17 7.03
N ASN A 306 28.67 -2.98 6.10
CA ASN A 306 28.33 -2.77 4.70
C ASN A 306 27.28 -1.66 4.60
N GLY A 307 27.43 -0.64 5.44
CA GLY A 307 26.52 0.49 5.45
C GLY A 307 25.27 0.27 6.26
N LEU A 308 24.72 -0.95 6.22
CA LEU A 308 23.44 -1.22 6.88
C LEU A 308 23.53 -0.94 8.38
N HIS A 309 22.52 -0.23 8.89
CA HIS A 309 22.42 0.19 10.28
C HIS A 309 23.40 1.29 10.63
N GLY A 310 24.01 1.92 9.62
CA GLY A 310 24.81 3.10 9.83
C GLY A 310 23.95 4.35 9.83
N SER A 311 24.63 5.50 9.76
CA SER A 311 23.98 6.79 9.81
C SER A 311 24.50 7.68 8.69
N SER A 312 23.63 8.53 8.17
CA SER A 312 24.05 9.52 7.18
C SER A 312 23.04 10.65 7.13
N LYS A 313 23.54 11.89 7.14
CA LYS A 313 22.71 13.07 6.93
C LYS A 313 22.71 13.53 5.47
N THR A 314 23.31 12.76 4.57
CA THR A 314 23.43 13.15 3.17
C THR A 314 22.93 12.02 2.28
N PRO A 315 21.72 12.14 1.74
CA PRO A 315 21.22 11.13 0.80
C PRO A 315 22.12 11.06 -0.43
N ALA A 316 22.11 9.90 -1.07
CA ALA A 316 23.01 9.69 -2.20
C ALA A 316 22.61 10.57 -3.38
N SER A 317 23.62 11.08 -4.09
CA SER A 317 23.45 12.10 -5.11
C SER A 317 24.12 11.65 -6.40
N GLY A 318 24.03 12.49 -7.42
CA GLY A 318 24.75 12.23 -8.66
C GLY A 318 24.24 11.00 -9.36
N LYS A 319 25.17 10.16 -9.82
CA LYS A 319 24.80 8.97 -10.57
C LYS A 319 24.04 7.97 -9.72
N TYR A 320 24.02 8.15 -8.39
CA TYR A 320 23.25 7.30 -7.50
C TYR A 320 21.86 7.84 -7.23
N ASN A 321 21.37 8.78 -8.03
CA ASN A 321 20.10 9.42 -7.74
C ASN A 321 19.43 9.92 -9.02
N ILE A 322 19.33 9.04 -10.02
CA ILE A 322 18.84 9.55 -11.30
C ILE A 322 17.33 9.83 -11.27
N LEU A 323 16.60 9.31 -10.30
CA LEU A 323 15.18 9.64 -10.14
C LEU A 323 14.93 10.80 -9.17
N GLY A 324 15.98 11.48 -8.73
CA GLY A 324 15.80 12.63 -7.88
C GLY A 324 14.85 13.65 -8.44
N ASP A 325 14.06 14.29 -7.57
CA ASP A 325 13.14 15.34 -8.01
C ASP A 325 13.93 16.58 -8.39
N ASP A 326 13.53 17.21 -9.50
CA ASP A 326 14.12 18.48 -9.93
C ASP A 326 13.22 19.59 -9.41
N LEU A 327 13.62 20.22 -8.31
CA LEU A 327 12.74 21.15 -7.63
C LEU A 327 12.56 22.46 -8.37
N ASN A 328 13.60 22.91 -9.09
CA ASN A 328 13.59 24.22 -9.73
C ASN A 328 14.10 24.14 -11.17
N ASN A 329 13.93 22.98 -11.81
CA ASN A 329 14.26 22.78 -13.23
C ASN A 329 15.70 23.13 -13.57
N ASP A 330 16.58 23.20 -12.57
CA ASP A 330 17.99 23.46 -12.83
C ASP A 330 18.71 22.25 -13.39
N GLY A 331 18.06 21.10 -13.48
CA GLY A 331 18.77 19.84 -13.59
C GLY A 331 19.45 19.42 -12.32
N VAL A 332 19.36 20.23 -11.27
CA VAL A 332 19.96 19.92 -9.97
C VAL A 332 18.93 19.14 -9.17
N LEU A 333 19.15 17.83 -9.05
CA LEU A 333 18.18 16.94 -8.44
C LEU A 333 18.37 16.87 -6.94
N GLU A 334 17.25 16.81 -6.22
CA GLU A 334 17.30 16.69 -4.76
C GLU A 334 17.85 15.33 -4.37
N PRO A 335 18.89 15.26 -3.54
CA PRO A 335 19.46 13.95 -3.20
C PRO A 335 18.45 13.03 -2.52
N ALA A 336 18.42 11.77 -2.98
CA ALA A 336 17.49 10.80 -2.45
C ALA A 336 17.99 9.36 -2.59
N GLY A 337 19.11 9.18 -3.29
CA GLY A 337 19.56 7.84 -3.61
C GLY A 337 18.54 7.02 -4.38
N ALA A 338 17.76 7.67 -5.25
CA ALA A 338 16.61 7.06 -5.90
C ALA A 338 16.95 6.70 -7.34
N ASN A 339 16.80 5.42 -7.68
CA ASN A 339 17.13 4.87 -8.98
C ASN A 339 16.15 3.76 -9.34
N PRO A 340 15.90 3.55 -10.63
CA PRO A 340 15.28 2.29 -11.06
C PRO A 340 16.29 1.16 -10.93
N LEU A 341 15.79 -0.06 -10.79
CA LEU A 341 16.69 -1.18 -10.55
C LEU A 341 17.69 -1.35 -11.69
N TRP A 342 17.25 -1.13 -12.95
CA TRP A 342 18.16 -1.36 -14.06
C TRP A 342 19.36 -0.41 -14.01
N HIS A 343 19.18 0.79 -13.48
CA HIS A 343 20.31 1.71 -13.42
C HIS A 343 21.33 1.24 -12.39
N VAL A 344 20.87 0.70 -11.25
CA VAL A 344 21.81 0.17 -10.27
C VAL A 344 22.57 -1.01 -10.86
N LEU A 345 21.89 -1.87 -11.63
CA LEU A 345 22.59 -2.94 -12.33
C LEU A 345 23.67 -2.39 -13.25
N ASN A 346 23.37 -1.31 -13.96
CA ASN A 346 24.36 -0.72 -14.86
C ASN A 346 25.51 -0.11 -14.09
N LEU A 347 25.22 0.52 -12.94
CA LEU A 347 26.29 1.04 -12.10
C LEU A 347 27.22 -0.08 -11.64
N MET A 348 26.66 -1.25 -11.34
CA MET A 348 27.50 -2.36 -10.90
C MET A 348 28.30 -2.95 -12.04
N GLU A 349 27.81 -2.87 -13.28
CA GLU A 349 28.64 -3.25 -14.41
C GLU A 349 29.88 -2.39 -14.51
N GLN A 350 29.78 -1.11 -14.13
CA GLN A 350 30.87 -0.17 -14.31
C GLN A 350 31.80 -0.09 -13.12
N ASP A 351 31.37 -0.56 -11.95
CA ASP A 351 32.13 -0.39 -10.71
C ASP A 351 32.18 -1.72 -9.95
N PRO A 352 33.31 -2.44 -10.02
CA PRO A 352 33.39 -3.73 -9.32
C PRO A 352 33.29 -3.61 -7.81
N ASN A 353 33.44 -2.41 -7.25
CA ASN A 353 33.34 -2.22 -5.81
CA ASN A 353 33.34 -2.22 -5.81
C ASN A 353 31.96 -1.74 -5.37
N LEU A 354 30.99 -1.74 -6.26
CA LEU A 354 29.59 -1.53 -5.92
C LEU A 354 29.00 -2.93 -5.84
N LYS A 355 28.79 -3.43 -4.63
CA LYS A 355 28.50 -4.84 -4.42
C LYS A 355 27.14 -5.05 -3.76
N VAL A 356 26.53 -6.20 -4.05
CA VAL A 356 25.21 -6.55 -3.52
C VAL A 356 25.37 -7.48 -2.34
N TYR A 357 24.54 -7.27 -1.33
CA TYR A 357 24.51 -8.07 -0.11
C TYR A 357 23.08 -8.48 0.18
N TRP A 358 22.93 -9.49 1.03
CA TRP A 358 21.65 -10.06 1.39
C TRP A 358 21.44 -9.96 2.90
N ASP A 359 20.26 -9.49 3.29
CA ASP A 359 19.85 -9.44 4.70
C ASP A 359 18.88 -10.59 4.93
N GLU A 360 19.31 -11.62 5.66
CA GLU A 360 18.45 -12.79 5.83
C GLU A 360 17.36 -12.57 6.88
N ILE A 361 17.44 -11.50 7.67
CA ILE A 361 16.36 -11.17 8.58
CA ILE A 361 16.36 -11.17 8.58
C ILE A 361 15.23 -10.47 7.84
N SER A 362 15.52 -9.32 7.25
CA SER A 362 14.51 -8.57 6.49
C SER A 362 14.17 -9.24 5.17
N LYS A 363 15.08 -10.05 4.64
CA LYS A 363 14.94 -10.76 3.37
C LYS A 363 14.78 -9.78 2.19
N VAL A 364 15.64 -8.77 2.19
CA VAL A 364 15.85 -7.92 1.01
C VAL A 364 17.35 -7.75 0.80
N PRO A 365 17.76 -7.43 -0.43
CA PRO A 365 19.16 -7.13 -0.70
C PRO A 365 19.43 -5.64 -0.58
N TYR A 366 20.72 -5.30 -0.61
CA TYR A 366 21.15 -3.92 -0.58
C TYR A 366 22.51 -3.85 -1.26
N VAL A 367 22.87 -2.65 -1.69
CA VAL A 367 24.08 -2.41 -2.45
C VAL A 367 24.95 -1.42 -1.69
N TRP A 368 26.25 -1.72 -1.62
CA TRP A 368 27.18 -0.97 -0.79
C TRP A 368 28.48 -0.73 -1.55
N GLN A 369 28.88 0.53 -1.62
CA GLN A 369 30.17 0.94 -2.18
C GLN A 369 31.07 1.29 -1.00
N ASN A 370 32.04 0.42 -0.70
CA ASN A 370 32.80 0.56 0.54
C ASN A 370 33.79 1.72 0.50
N ASP A 371 34.18 2.18 -0.69
CA ASP A 371 35.14 3.27 -0.78
C ASP A 371 34.45 4.63 -0.70
N LYS A 372 33.33 4.79 -1.41
CA LYS A 372 32.56 6.04 -1.35
C LYS A 372 31.59 6.06 -0.18
N LYS A 373 31.38 4.93 0.49
CA LYS A 373 30.45 4.83 1.61
C LYS A 373 29.03 5.16 1.16
N VAL A 374 28.60 4.50 0.08
CA VAL A 374 27.27 4.69 -0.50
C VAL A 374 26.46 3.43 -0.27
N PHE A 375 25.28 3.59 0.33
CA PHE A 375 24.32 2.52 0.55
C PHE A 375 23.06 2.83 -0.24
N VAL A 376 22.57 1.86 -0.99
CA VAL A 376 21.31 1.97 -1.71
CA VAL A 376 21.30 1.98 -1.71
C VAL A 376 20.52 0.69 -1.49
N SER A 377 19.22 0.83 -1.23
CA SER A 377 18.37 -0.34 -1.13
C SER A 377 18.31 -1.03 -2.49
N PHE A 378 17.84 -2.27 -2.50
CA PHE A 378 17.78 -3.01 -3.76
C PHE A 378 16.70 -4.06 -3.69
N GLU A 379 16.42 -4.65 -4.84
N GLU A 379 16.34 -4.56 -4.87
CA GLU A 379 15.39 -5.67 -5.02
CA GLU A 379 15.42 -5.68 -5.03
C GLU A 379 15.90 -6.57 -6.13
C GLU A 379 16.01 -6.59 -6.10
N ASN A 380 15.89 -7.89 -5.91
CA ASN A 380 16.41 -8.81 -6.91
C ASN A 380 15.66 -10.13 -6.88
N GLU A 381 16.20 -11.12 -7.58
N GLU A 381 16.19 -11.13 -7.59
CA GLU A 381 15.52 -12.42 -7.68
CA GLU A 381 15.52 -12.42 -7.68
C GLU A 381 15.38 -13.06 -6.31
C GLU A 381 15.38 -13.06 -6.31
N LYS A 382 16.37 -12.87 -5.43
CA LYS A 382 16.32 -13.48 -4.11
C LYS A 382 15.20 -12.86 -3.27
N SER A 383 15.03 -11.53 -3.32
CA SER A 383 13.95 -10.93 -2.57
C SER A 383 12.59 -11.25 -3.19
N ILE A 384 12.52 -11.34 -4.52
CA ILE A 384 11.27 -11.78 -5.14
C ILE A 384 10.89 -13.15 -4.62
N ASP A 385 11.87 -14.05 -4.51
CA ASP A 385 11.59 -15.41 -4.02
C ASP A 385 11.14 -15.38 -2.56
N ALA A 386 11.75 -14.51 -1.74
CA ALA A 386 11.31 -14.37 -0.36
C ALA A 386 9.91 -13.80 -0.29
N ARG A 387 9.58 -12.86 -1.19
CA ARG A 387 8.25 -12.29 -1.20
C ARG A 387 7.21 -13.33 -1.64
N LEU A 388 7.56 -14.17 -2.61
CA LEU A 388 6.67 -15.25 -3.00
C LEU A 388 6.42 -16.21 -1.85
N GLU A 389 7.47 -16.57 -1.10
CA GLU A 389 7.30 -17.46 0.04
C GLU A 389 6.34 -16.85 1.06
N TYR A 390 6.49 -15.54 1.31
CA TYR A 390 5.61 -14.85 2.25
C TYR A 390 4.16 -14.86 1.74
N ILE A 391 3.98 -14.52 0.47
CA ILE A 391 2.64 -14.50 -0.12
C ILE A 391 1.96 -15.85 0.03
N GLN A 392 2.70 -16.94 -0.24
CA GLN A 392 2.11 -18.27 -0.07
C GLN A 392 1.86 -18.58 1.39
N ASN A 393 2.83 -18.28 2.27
CA ASN A 393 2.69 -18.67 3.67
C ASN A 393 1.51 -17.95 4.33
N LYS A 394 1.29 -16.69 3.98
CA LYS A 394 0.27 -15.87 4.62
CA LYS A 394 0.27 -15.87 4.62
C LYS A 394 -1.06 -15.86 3.86
N ASN A 395 -1.15 -16.54 2.73
CA ASN A 395 -2.36 -16.56 1.92
C ASN A 395 -2.71 -15.16 1.39
N LEU A 396 -1.70 -14.36 1.08
CA LEU A 396 -1.95 -13.02 0.59
C LEU A 396 -2.58 -13.05 -0.79
N GLY A 397 -3.35 -11.99 -1.10
CA GLY A 397 -3.95 -11.87 -2.40
C GLY A 397 -2.95 -11.72 -3.54
N GLY A 398 -1.73 -11.30 -3.23
CA GLY A 398 -0.74 -11.06 -4.24
C GLY A 398 0.11 -9.85 -3.93
N ALA A 399 0.50 -9.11 -4.96
CA ALA A 399 1.43 -8.01 -4.81
C ALA A 399 1.05 -6.86 -5.73
N LEU A 400 1.40 -5.65 -5.32
N LEU A 400 1.44 -5.65 -5.31
CA LEU A 400 1.40 -4.50 -6.20
CA LEU A 400 1.40 -4.44 -6.13
C LEU A 400 2.83 -4.00 -6.35
C LEU A 400 2.82 -3.94 -6.31
N ILE A 401 3.10 -3.34 -7.47
CA ILE A 401 4.43 -2.92 -7.84
C ILE A 401 4.43 -1.42 -8.09
N TRP A 402 5.38 -0.73 -7.47
CA TRP A 402 5.60 0.72 -7.61
C TRP A 402 7.04 0.91 -8.05
N VAL A 403 7.27 1.30 -9.31
CA VAL A 403 6.44 1.48 -10.49
C VAL A 403 7.04 0.59 -11.58
N MET A 404 6.25 0.28 -12.62
CA MET A 404 6.61 -0.82 -13.50
C MET A 404 7.87 -0.57 -14.33
N ASN A 405 8.30 0.68 -14.50
CA ASN A 405 9.46 0.94 -15.36
C ASN A 405 10.80 0.75 -14.64
N GLY A 406 10.77 0.26 -13.40
CA GLY A 406 11.98 -0.05 -12.66
C GLY A 406 12.46 -1.48 -12.76
N ASP A 407 11.61 -2.41 -13.20
CA ASP A 407 12.04 -3.76 -13.53
C ASP A 407 13.08 -3.69 -14.64
N TYR A 408 13.79 -4.78 -14.88
CA TYR A 408 14.93 -4.72 -15.80
C TYR A 408 14.94 -5.84 -16.84
N GLY A 409 15.67 -5.56 -17.92
CA GLY A 409 15.94 -6.49 -18.99
C GLY A 409 17.06 -5.92 -19.83
N LEU A 410 17.43 -6.65 -20.89
CA LEU A 410 18.54 -6.24 -21.73
C LEU A 410 18.18 -5.03 -22.57
N ASN A 411 19.16 -4.14 -22.77
CA ASN A 411 18.94 -2.86 -23.43
C ASN A 411 19.24 -2.98 -24.93
N PRO A 412 18.26 -2.74 -25.81
CA PRO A 412 18.59 -2.70 -27.24
C PRO A 412 19.54 -1.58 -27.62
N ASN A 413 19.64 -0.53 -26.81
CA ASN A 413 20.49 0.62 -27.09
C ASN A 413 21.78 0.60 -26.26
N TYR A 414 22.22 -0.58 -25.81
CA TYR A 414 23.46 -0.72 -25.07
C TYR A 414 24.65 -0.25 -25.91
N VAL A 415 25.51 0.55 -25.29
CA VAL A 415 26.76 0.99 -25.89
C VAL A 415 27.87 0.68 -24.89
N GLU A 416 28.76 -0.25 -25.25
CA GLU A 416 29.89 -0.58 -24.39
C GLU A 416 30.65 0.68 -23.99
N GLY A 417 30.87 0.84 -22.68
CA GLY A 417 31.64 1.96 -22.17
C GLY A 417 30.87 3.25 -21.99
N SER A 418 29.59 3.29 -22.33
CA SER A 418 28.82 4.51 -22.21
C SER A 418 28.31 4.70 -20.79
N ASN A 419 28.33 5.95 -20.34
CA ASN A 419 27.76 6.32 -19.04
C ASN A 419 26.38 6.97 -19.18
N LYS A 420 25.83 7.02 -20.40
CA LYS A 420 24.50 7.58 -20.59
C LYS A 420 23.45 6.69 -19.93
N ILE A 421 22.42 7.32 -19.37
CA ILE A 421 21.45 6.58 -18.55
C ILE A 421 20.83 5.44 -19.35
N ASN A 422 20.55 5.66 -20.64
CA ASN A 422 19.84 4.68 -21.44
C ASN A 422 20.73 3.95 -22.43
N GLU A 423 22.04 3.92 -22.17
CA GLU A 423 22.97 3.16 -23.00
C GLU A 423 23.75 2.12 -22.20
N GLY A 424 23.23 1.74 -21.03
CA GLY A 424 23.82 0.69 -20.24
C GLY A 424 23.40 -0.69 -20.71
N LYS A 425 23.98 -1.70 -20.08
CA LYS A 425 23.65 -3.09 -20.42
C LYS A 425 22.16 -3.34 -20.26
N TYR A 426 21.55 -2.74 -19.23
CA TYR A 426 20.17 -2.99 -18.89
C TYR A 426 19.32 -1.75 -19.09
N THR A 427 18.07 -1.98 -19.44
CA THR A 427 17.04 -0.95 -19.40
C THR A 427 15.87 -1.58 -18.65
N PHE A 428 14.68 -0.99 -18.76
CA PHE A 428 13.52 -1.63 -18.18
C PHE A 428 13.25 -2.96 -18.88
N GLY A 429 12.50 -3.82 -18.20
CA GLY A 429 12.16 -5.13 -18.72
C GLY A 429 11.14 -5.79 -17.83
N ASP A 430 11.11 -7.13 -17.83
CA ASP A 430 10.12 -7.86 -17.04
C ASP A 430 10.74 -8.98 -16.21
N THR A 431 12.04 -8.91 -15.90
CA THR A 431 12.69 -10.04 -15.25
C THR A 431 12.03 -10.37 -13.91
N LEU A 432 11.92 -9.37 -13.02
CA LEU A 432 11.34 -9.66 -11.71
C LEU A 432 9.83 -9.87 -11.79
N THR A 433 9.15 -9.15 -12.69
CA THR A 433 7.70 -9.27 -12.77
C THR A 433 7.28 -10.62 -13.33
N LYS A 434 8.01 -11.13 -14.33
CA LYS A 434 7.76 -12.49 -14.81
C LYS A 434 8.04 -13.51 -13.72
N ARG A 435 9.10 -13.30 -12.94
CA ARG A 435 9.41 -14.25 -11.86
C ARG A 435 8.30 -14.26 -10.82
N LEU A 436 7.77 -13.08 -10.47
CA LEU A 436 6.62 -13.01 -9.58
C LEU A 436 5.42 -13.73 -10.18
N SER A 437 5.11 -13.44 -11.44
CA SER A 437 3.95 -14.05 -12.08
C SER A 437 4.06 -15.57 -12.08
N GLN A 438 5.24 -16.10 -12.41
CA GLN A 438 5.42 -17.55 -12.43
C GLN A 438 5.22 -18.14 -11.03
N GLY A 439 5.73 -17.46 -10.00
CA GLY A 439 5.57 -17.98 -8.65
C GLY A 439 4.14 -17.91 -8.17
N LEU A 440 3.42 -16.86 -8.55
CA LEU A 440 2.01 -16.76 -8.15
C LEU A 440 1.19 -17.84 -8.84
N LYS A 441 1.50 -18.14 -10.11
CA LYS A 441 0.84 -19.25 -10.78
C LYS A 441 1.13 -20.57 -10.08
N LYS A 442 2.38 -20.79 -9.69
CA LYS A 442 2.77 -22.09 -9.16
C LYS A 442 2.09 -22.37 -7.83
N MET A 443 1.90 -21.35 -6.99
CA MET A 443 1.36 -21.58 -5.65
C MET A 443 -0.15 -21.79 -5.66
N GLY A 444 -0.83 -21.45 -6.75
CA GLY A 444 -2.27 -21.66 -6.84
C GLY A 444 -3.07 -20.56 -6.18
N VAL A 445 -4.39 -20.72 -6.26
CA VAL A 445 -5.30 -19.70 -5.77
C VAL A 445 -5.24 -19.61 -4.25
N CYS A 446 -5.69 -18.46 -3.75
CA CYS A 446 -5.81 -18.28 -2.30
C CYS A 446 -6.86 -19.21 -1.73
N ASN A 447 -6.70 -19.51 -0.43
CA ASN A 447 -7.78 -20.12 0.35
C ASN A 447 -8.76 -19.05 0.80
N LYS A 448 -10.00 -19.47 1.02
CA LYS A 448 -11.01 -18.59 1.61
C LYS A 448 -10.85 -18.62 3.13
N THR A 449 -10.51 -17.49 3.72
CA THR A 449 -10.37 -17.43 5.16
C THR A 449 -11.74 -17.63 5.81
N PRO A 450 -11.86 -18.54 6.78
CA PRO A 450 -13.17 -18.74 7.42
C PRO A 450 -13.64 -17.50 8.16
N ASP A 451 -14.96 -17.44 8.37
CA ASP A 451 -15.54 -16.37 9.18
C ASP A 451 -15.02 -16.45 10.61
N ASP A 452 -15.06 -15.30 11.30
CA ASP A 452 -14.85 -15.27 12.74
C ASP A 452 -15.67 -16.37 13.40
N LEU A 453 -15.09 -17.05 14.39
CA LEU A 453 -15.80 -18.15 15.03
C LEU A 453 -17.01 -17.69 15.84
N ASN A 454 -17.04 -16.42 16.25
CA ASN A 454 -18.11 -15.98 17.15
C ASN A 454 -19.48 -16.12 16.49
N ILE A 455 -19.55 -15.99 15.17
CA ILE A 455 -20.85 -16.11 14.50
C ILE A 455 -21.39 -17.52 14.56
N SER A 456 -20.56 -18.52 14.86
CA SER A 456 -21.04 -19.89 15.00
C SER A 456 -21.57 -20.21 16.39
N LEU A 457 -21.42 -19.28 17.33
CA LEU A 457 -21.82 -19.50 18.71
C LEU A 457 -23.29 -19.17 18.91
N GLU A 458 -23.85 -19.64 20.03
CA GLU A 458 -25.22 -19.30 20.37
C GLU A 458 -25.32 -17.79 20.61
N PRO A 459 -26.41 -17.16 20.19
CA PRO A 459 -26.53 -15.71 20.39
C PRO A 459 -26.94 -15.35 21.81
N ILE A 460 -26.50 -14.18 22.23
CA ILE A 460 -27.00 -13.52 23.44
C ILE A 460 -27.27 -12.07 23.10
N ASN A 461 -28.36 -11.53 23.66
CA ASN A 461 -28.74 -10.14 23.42
C ASN A 461 -27.94 -9.23 24.36
N VAL A 462 -26.63 -9.21 24.13
CA VAL A 462 -25.72 -8.28 24.77
C VAL A 462 -24.98 -7.53 23.66
N ASP A 463 -24.81 -6.23 23.83
CA ASP A 463 -24.09 -5.40 22.86
C ASP A 463 -22.72 -5.07 23.42
N VAL A 464 -21.68 -5.41 22.67
CA VAL A 464 -20.30 -5.09 23.02
C VAL A 464 -19.79 -4.05 22.03
N LYS A 465 -19.40 -2.88 22.53
CA LYS A 465 -18.89 -1.80 21.71
C LYS A 465 -17.46 -1.49 22.16
N PHE A 466 -16.51 -1.57 21.24
CA PHE A 466 -15.10 -1.34 21.52
C PHE A 466 -14.71 0.01 20.93
N ASN A 467 -14.28 0.94 21.79
CA ASN A 467 -13.77 2.23 21.36
C ASN A 467 -12.45 2.49 22.08
N GLY A 468 -11.81 3.61 21.74
CA GLY A 468 -10.59 3.97 22.42
C GLY A 468 -9.96 5.20 21.81
N LYS A 469 -8.78 5.52 22.34
CA LYS A 469 -8.02 6.68 21.90
C LYS A 469 -6.54 6.28 21.86
N TYR A 470 -5.85 6.70 20.81
CA TYR A 470 -4.44 6.40 20.63
C TYR A 470 -3.61 7.63 20.94
N ASP A 471 -2.63 7.48 21.82
CA ASP A 471 -1.66 8.51 22.18
C ASP A 471 -0.33 7.77 22.11
N HIS A 472 0.33 7.82 20.95
CA HIS A 472 1.44 6.91 20.67
C HIS A 472 2.40 6.86 21.86
N PRO A 473 2.80 5.67 22.32
CA PRO A 473 2.50 4.33 21.76
C PRO A 473 1.36 3.61 22.48
N ASN A 474 0.48 4.35 23.17
CA ASN A 474 -0.50 3.75 24.07
C ASN A 474 -1.90 3.88 23.47
N TYR A 475 -2.60 2.75 23.36
CA TYR A 475 -4.03 2.75 23.04
C TYR A 475 -4.81 2.49 24.32
N THR A 476 -5.62 3.47 24.73
CA THR A 476 -6.50 3.32 25.88
C THR A 476 -7.88 2.91 25.36
N TYR A 477 -8.28 1.67 25.64
CA TYR A 477 -9.56 1.19 25.16
C TYR A 477 -10.65 1.39 26.20
N SER A 478 -11.88 1.55 25.70
N SER A 478 -11.88 1.51 25.71
CA SER A 478 -13.08 1.59 26.51
CA SER A 478 -13.08 1.58 26.55
C SER A 478 -14.09 0.68 25.85
C SER A 478 -14.13 0.72 25.89
N ILE A 479 -14.57 -0.32 26.59
CA ILE A 479 -15.54 -1.28 26.06
C ILE A 479 -16.84 -1.06 26.82
N ASP A 480 -17.91 -0.75 26.09
CA ASP A 480 -19.24 -0.62 26.65
C ASP A 480 -20.00 -1.93 26.42
N ILE A 481 -20.55 -2.49 27.50
CA ILE A 481 -21.30 -3.74 27.44
C ILE A 481 -22.70 -3.46 27.93
N THR A 482 -23.68 -3.60 27.06
CA THR A 482 -25.08 -3.32 27.36
C THR A 482 -25.85 -4.63 27.40
N ASN A 483 -26.57 -4.85 28.50
CA ASN A 483 -27.40 -6.04 28.69
C ASN A 483 -28.79 -5.74 28.15
N TYR A 484 -29.13 -6.36 27.01
CA TYR A 484 -30.45 -6.22 26.42
C TYR A 484 -31.35 -7.41 26.73
N THR A 485 -30.89 -8.33 27.58
CA THR A 485 -31.75 -9.42 28.04
C THR A 485 -32.64 -8.92 29.18
N ASP A 486 -33.56 -9.78 29.61
CA ASP A 486 -34.51 -9.43 30.67
C ASP A 486 -34.09 -9.93 32.04
N LYS A 487 -32.82 -10.32 32.19
CA LYS A 487 -32.29 -10.77 33.47
C LYS A 487 -30.94 -10.12 33.71
N GLU A 488 -30.67 -9.76 34.96
CA GLU A 488 -29.36 -9.25 35.31
C GLU A 488 -28.28 -10.26 34.97
N ILE A 489 -27.17 -9.78 34.42
CA ILE A 489 -26.00 -10.61 34.16
C ILE A 489 -25.06 -10.46 35.33
N LYS A 490 -24.76 -11.58 36.00
CA LYS A 490 -23.99 -11.55 37.23
C LYS A 490 -22.53 -11.16 36.94
N GLY A 491 -21.92 -10.50 37.93
CA GLY A 491 -20.50 -10.24 37.84
C GLY A 491 -19.71 -11.53 37.70
N GLY A 492 -18.53 -11.42 37.09
CA GLY A 492 -17.77 -12.58 36.71
C GLY A 492 -17.95 -12.98 35.26
N TRP A 493 -18.82 -12.30 34.53
CA TRP A 493 -18.89 -12.46 33.09
C TRP A 493 -17.53 -12.17 32.47
N ASN A 494 -17.34 -12.68 31.26
CA ASN A 494 -16.12 -12.40 30.51
C ASN A 494 -16.48 -11.98 29.09
N VAL A 495 -15.65 -11.10 28.53
CA VAL A 495 -15.72 -10.73 27.13
C VAL A 495 -14.37 -11.05 26.51
N SER A 496 -14.37 -11.51 25.28
CA SER A 496 -13.14 -11.76 24.56
C SER A 496 -13.16 -11.02 23.23
N PHE A 497 -11.97 -10.69 22.74
CA PHE A 497 -11.82 -10.11 21.43
C PHE A 497 -10.45 -10.48 20.89
N ASP A 498 -10.33 -10.52 19.58
CA ASP A 498 -9.08 -10.85 18.92
C ASP A 498 -8.37 -9.56 18.51
N LEU A 499 -7.17 -9.38 19.04
CA LEU A 499 -6.39 -8.18 18.86
C LEU A 499 -5.26 -8.45 17.89
N PRO A 500 -5.20 -7.78 16.74
CA PRO A 500 -4.11 -8.02 15.78
C PRO A 500 -2.74 -7.96 16.45
N LYS A 501 -1.81 -8.80 15.97
CA LYS A 501 -0.44 -8.87 16.48
C LYS A 501 0.42 -7.68 16.04
N SER A 502 -0.18 -6.65 15.44
CA SER A 502 0.51 -5.36 15.33
C SER A 502 0.58 -4.65 16.67
N ALA A 503 -0.17 -5.13 17.67
CA ALA A 503 -0.29 -4.49 18.97
C ALA A 503 -0.13 -5.53 20.06
N VAL A 504 0.14 -5.07 21.27
CA VAL A 504 0.38 -5.92 22.42
C VAL A 504 -0.54 -5.50 23.54
N PHE A 505 -1.38 -6.40 24.03
CA PHE A 505 -2.21 -6.10 25.18
C PHE A 505 -1.33 -5.88 26.40
N LYS A 506 -1.57 -4.79 27.13
CA LYS A 506 -0.72 -4.43 28.27
C LYS A 506 -1.40 -4.59 29.61
N SER A 507 -2.63 -4.11 29.77
CA SER A 507 -3.27 -4.19 31.08
C SER A 507 -4.77 -3.98 30.96
N SER A 508 -5.51 -4.68 31.82
CA SER A 508 -6.92 -4.43 32.05
C SER A 508 -7.06 -3.66 33.36
N TRP A 509 -7.89 -2.62 33.36
CA TRP A 509 -8.05 -1.77 34.54
C TRP A 509 -9.30 -2.20 35.31
N GLY A 510 -9.19 -3.38 35.92
CA GLY A 510 -10.29 -4.02 36.59
C GLY A 510 -10.35 -5.49 36.20
N GLY A 511 -10.81 -6.32 37.11
CA GLY A 511 -10.90 -7.74 36.81
C GLY A 511 -9.53 -8.34 36.53
N THR A 512 -9.53 -9.38 35.69
CA THR A 512 -8.33 -10.10 35.31
C THR A 512 -8.39 -10.36 33.81
N TYR A 513 -7.30 -10.86 33.25
CA TYR A 513 -7.25 -11.10 31.81
C TYR A 513 -6.31 -12.24 31.49
N SER A 514 -6.52 -12.84 30.33
CA SER A 514 -5.62 -13.84 29.76
C SER A 514 -5.36 -13.49 28.30
N VAL A 515 -4.26 -13.99 27.78
CA VAL A 515 -3.84 -13.74 26.41
C VAL A 515 -3.52 -15.08 25.76
N THR A 516 -4.22 -15.40 24.68
CA THR A 516 -4.10 -16.70 24.01
C THR A 516 -3.72 -16.48 22.56
N ASP A 517 -2.64 -17.12 22.13
CA ASP A 517 -2.21 -16.99 20.74
C ASP A 517 -3.28 -17.52 19.80
N ASN A 518 -3.60 -16.74 18.77
CA ASN A 518 -4.64 -17.13 17.82
C ASN A 518 -4.25 -16.65 16.43
N GLY A 519 -3.18 -17.21 15.89
CA GLY A 519 -2.78 -16.94 14.52
C GLY A 519 -2.21 -15.55 14.33
N ASP A 520 -2.88 -14.75 13.51
CA ASP A 520 -2.48 -13.35 13.32
C ASP A 520 -2.96 -12.47 14.47
N PHE A 521 -3.60 -13.05 15.48
CA PHE A 521 -4.19 -12.32 16.58
C PHE A 521 -3.78 -12.95 17.91
N ASN A 522 -3.94 -12.17 18.97
CA ASN A 522 -4.02 -12.70 20.32
C ASN A 522 -5.45 -12.55 20.80
N THR A 523 -6.03 -13.63 21.31
CA THR A 523 -7.35 -13.57 21.92
C THR A 523 -7.21 -13.04 23.34
N ILE A 524 -7.82 -11.88 23.59
CA ILE A 524 -7.80 -11.24 24.90
C ILE A 524 -9.11 -11.59 25.59
N THR A 525 -9.02 -12.20 26.76
CA THR A 525 -10.21 -12.57 27.54
C THR A 525 -10.19 -11.75 28.83
N LEU A 526 -11.19 -10.89 28.99
CA LEU A 526 -11.33 -10.06 30.17
C LEU A 526 -12.41 -10.67 31.06
N THR A 527 -12.04 -11.03 32.28
CA THR A 527 -12.98 -11.60 33.24
C THR A 527 -13.26 -10.57 34.31
N SER A 528 -14.53 -10.17 34.44
CA SER A 528 -14.91 -9.13 35.38
C SER A 528 -14.96 -9.68 36.80
N GLY A 529 -15.10 -8.75 37.75
CA GLY A 529 -15.31 -9.12 39.14
C GLY A 529 -16.77 -9.36 39.48
N ALA A 530 -16.99 -9.98 40.63
CA ALA A 530 -18.35 -10.36 41.01
C ALA A 530 -19.26 -9.16 41.16
N TRP A 531 -18.70 -7.99 41.50
CA TRP A 531 -19.51 -6.80 41.73
C TRP A 531 -19.97 -6.13 40.45
N GLN A 532 -19.47 -6.55 39.29
CA GLN A 532 -19.77 -5.88 38.02
C GLN A 532 -21.01 -6.49 37.36
N ASN A 533 -22.09 -6.51 38.14
CA ASN A 533 -23.38 -6.93 37.61
C ASN A 533 -23.86 -5.94 36.55
N ILE A 534 -24.54 -6.46 35.54
CA ILE A 534 -25.12 -5.64 34.48
C ILE A 534 -26.63 -5.81 34.56
N ALA A 535 -27.33 -4.75 34.96
CA ALA A 535 -28.77 -4.78 35.05
C ALA A 535 -29.39 -4.78 33.66
N PRO A 536 -30.65 -5.21 33.55
CA PRO A 536 -31.34 -5.13 32.25
C PRO A 536 -31.40 -3.70 31.74
N ASN A 537 -31.12 -3.53 30.45
CA ASN A 537 -31.17 -2.24 29.77
C ASN A 537 -30.12 -1.28 30.32
N SER A 538 -29.05 -1.79 30.91
CA SER A 538 -27.99 -0.98 31.49
C SER A 538 -26.67 -1.27 30.80
N THR A 539 -25.75 -0.33 30.93
CA THR A 539 -24.44 -0.41 30.29
C THR A 539 -23.34 -0.36 31.34
N ILE A 540 -22.34 -1.21 31.17
CA ILE A 540 -21.16 -1.24 32.02
C ILE A 540 -19.94 -1.03 31.12
N THR A 541 -18.96 -0.27 31.61
CA THR A 541 -17.79 0.10 30.82
C THR A 541 -16.53 -0.38 31.51
N VAL A 542 -15.64 -0.99 30.74
CA VAL A 542 -14.34 -1.42 31.25
C VAL A 542 -13.27 -0.83 30.34
N GLN A 543 -12.09 -0.60 30.91
CA GLN A 543 -11.01 0.09 30.23
C GLN A 543 -9.70 -0.66 30.44
N GLY A 544 -8.71 -0.28 29.64
CA GLY A 544 -7.39 -0.83 29.78
C GLY A 544 -6.47 -0.25 28.73
N MET A 545 -5.31 -0.88 28.59
CA MET A 545 -4.25 -0.34 27.77
C MET A 545 -3.66 -1.39 26.83
N ILE A 546 -3.42 -0.96 25.60
CA ILE A 546 -2.81 -1.75 24.54
C ILE A 546 -1.62 -0.94 24.01
N GLY A 547 -0.53 -1.63 23.69
CA GLY A 547 0.62 -0.98 23.07
C GLY A 547 0.58 -1.09 21.56
N LEU A 548 0.84 0.04 20.89
CA LEU A 548 0.77 0.20 19.43
C LEU A 548 -0.66 0.08 18.93
N CYS A 549 -0.86 0.16 17.61
CA CYS A 549 -2.17 0.31 17.04
C CYS A 549 -2.51 -0.88 16.15
N PHE A 550 -3.75 -0.87 15.65
CA PHE A 550 -4.38 -2.02 15.01
C PHE A 550 -5.58 -1.50 14.22
N SER A 551 -5.90 -2.16 13.11
CA SER A 551 -6.94 -1.62 12.25
C SER A 551 -8.32 -1.77 12.89
N GLY A 552 -8.49 -2.77 13.74
CA GLY A 552 -9.75 -3.07 14.37
C GLY A 552 -9.62 -4.38 15.12
N ILE A 553 -10.66 -4.73 15.86
CA ILE A 553 -10.69 -5.99 16.59
C ILE A 553 -11.74 -6.89 15.95
N ARG A 554 -11.63 -8.18 16.26
CA ARG A 554 -12.46 -9.19 15.63
C ARG A 554 -13.00 -10.17 16.66
N ASN A 555 -13.98 -10.97 16.23
CA ASN A 555 -14.31 -12.23 16.91
C ASN A 555 -14.68 -11.98 18.37
N VAL A 556 -15.54 -10.99 18.60
CA VAL A 556 -15.93 -10.62 19.95
C VAL A 556 -16.93 -11.64 20.47
N THR A 557 -16.68 -12.13 21.69
CA THR A 557 -17.60 -13.04 22.36
C THR A 557 -17.90 -12.51 23.75
N PHE A 558 -19.00 -13.00 24.32
CA PHE A 558 -19.42 -12.63 25.67
C PHE A 558 -19.98 -13.87 26.33
N ASN A 559 -19.35 -14.31 27.41
CA ASN A 559 -19.77 -15.50 28.15
C ASN A 559 -19.91 -16.71 27.22
N GLY A 560 -18.98 -16.82 26.27
CA GLY A 560 -18.97 -17.95 25.36
C GLY A 560 -20.03 -17.91 24.29
N MET A 561 -20.65 -16.76 24.06
CA MET A 561 -21.75 -16.62 23.12
C MET A 561 -21.48 -15.43 22.21
N ASN A 562 -22.30 -15.32 21.17
CA ASN A 562 -22.17 -14.26 20.18
C ASN A 562 -22.99 -13.06 20.62
N PRO A 563 -22.38 -11.93 20.98
CA PRO A 563 -23.18 -10.77 21.41
C PRO A 563 -23.83 -10.07 20.23
N ILE A 564 -25.13 -10.28 20.04
CA ILE A 564 -25.85 -9.69 18.92
C ILE A 564 -26.62 -8.44 19.33
N GLY A 565 -26.34 -7.90 20.51
CA GLY A 565 -26.95 -6.65 20.92
C GLY A 565 -28.46 -6.74 20.99
N ASN A 566 -29.12 -5.70 20.50
CA ASN A 566 -30.57 -5.63 20.51
C ASN A 566 -31.15 -6.00 19.15
C1 PEG B . 8.21 9.18 1.75
O1 PEG B . 8.36 9.45 3.14
C2 PEG B . 7.53 10.31 1.03
O2 PEG B . 7.28 9.93 -0.31
C3 PEG B . 7.06 11.04 -1.18
C4 PEG B . 8.36 11.73 -1.45
O4 PEG B . 8.34 12.37 -2.73
H11 PEG B . 7.69 8.37 1.64
H12 PEG B . 9.10 9.05 1.37
HO1 PEG B . 9.08 9.15 3.47
H21 PEG B . 8.10 11.09 1.05
H22 PEG B . 6.69 10.51 1.47
H31 PEG B . 6.45 11.66 -0.75
H32 PEG B . 6.67 10.72 -2.01
H41 PEG B . 9.07 11.08 -1.44
H42 PEG B . 8.51 12.40 -0.78
HO4 PEG B . 7.60 12.72 -2.93
C1 PEG C . 12.01 10.09 -5.40
O1 PEG C . 12.07 10.92 -4.26
C2 PEG C . 11.93 8.64 -5.01
O2 PEG C . 11.45 7.86 -6.09
C3 PEG C . 10.24 7.17 -5.78
C4 PEG C . 9.64 6.65 -7.06
O4 PEG C . 8.32 7.15 -7.25
H11 PEG C . 12.82 10.22 -5.93
H12 PEG C . 11.23 10.32 -5.93
HO1 PEG C . 11.49 10.72 -3.65
H21 PEG C . 11.33 8.55 -4.25
H22 PEG C . 12.81 8.32 -4.75
H31 PEG C . 9.62 7.78 -5.35
H32 PEG C . 10.43 6.43 -5.18
H41 PEG C . 9.60 5.68 -7.01
H42 PEG C . 10.19 6.92 -7.80
HO4 PEG C . 7.78 6.94 -6.63
CL CL D . -5.27 -11.80 -20.85
CL CL E . 21.64 -11.04 -2.86
NA NA F . 12.33 -17.46 2.62
#